data_3GNR
#
_entry.id   3GNR
#
_cell.length_a   56.679
_cell.length_b   90.591
_cell.length_c   101.883
_cell.angle_alpha   90.00
_cell.angle_beta   90.00
_cell.angle_gamma   90.00
#
_symmetry.space_group_name_H-M   'P 21 21 21'
#
loop_
_entity.id
_entity.type
_entity.pdbx_description
1 polymer 'Os03g0212800 protein'
2 non-polymer 2-deoxy-2-fluoro-alpha-D-glucopyranose
3 non-polymer GLYCEROL
4 water water
#
_entity_poly.entity_id   1
_entity_poly.type   'polypeptide(L)'
_entity_poly.pdbx_seq_one_letter_code
;SFTMAQQSGGGLTRGSFPEGFVFGTASAAYQYEGAVKEDGRGQTIWDTFAHTFGKITDFSNADVAVDQYHRFEEDIQLMA
DMGMDAYRFSIAWSRIYPNGVGQVNQAGIDHYNKLIDALLAKGIQPYVTLYHWDLPQALEDKYKGWLDRQIVDDFAAYAE
TCFREFGDRVKHWITLNEPHTVAIQGYDAGLQAPGRCSVLLHLYCKAGNSGTEPYVVAHHFILAHAAAASIYRTKYKATQ
NGQLGIAFDVMWFEPMSNTTIDIEAAKRAQEFQLGWFADPFFFGDYPATMRARVGERLPRFTADEAAVVKGALDFVGINH
YTTYYTRHNNTNIIGTLLNNTLADTGTVSLPFKNGKPIGDRANSIWLYIVPRGMRSLMNYVKERYNSPPVYITENGMDDS
NNPFISIKDALKDSKRIKYHNDYLTNLAASIKEDGCDVRGYFAWSLLDNWEWAAGYSSRFGLYFVDYKDNLKRYPKNSVQ
WFKALLKT
;
_entity_poly.pdbx_strand_id   A
#
# COMPACT_ATOMS: atom_id res chain seq x y z
N GLY A 11 -11.70 20.94 -18.55
CA GLY A 11 -10.83 20.48 -17.41
C GLY A 11 -11.61 19.77 -16.29
N LEU A 12 -10.90 18.93 -15.54
CA LEU A 12 -11.50 18.20 -14.44
C LEU A 12 -12.00 19.12 -13.34
N THR A 13 -13.15 18.76 -12.78
CA THR A 13 -13.70 19.42 -11.59
C THR A 13 -14.26 18.32 -10.69
N ARG A 14 -14.75 18.68 -9.51
CA ARG A 14 -15.47 17.72 -8.68
C ARG A 14 -16.66 17.15 -9.44
N GLY A 15 -17.26 17.99 -10.29
CA GLY A 15 -18.38 17.57 -11.11
C GLY A 15 -18.04 16.48 -12.10
N SER A 16 -16.76 16.25 -12.35
CA SER A 16 -16.31 15.16 -13.24
C SER A 16 -16.46 13.79 -12.60
N PHE A 17 -16.69 13.80 -11.28
CA PHE A 17 -16.83 12.60 -10.47
C PHE A 17 -18.20 12.55 -9.82
N PRO A 18 -18.64 11.36 -9.35
CA PRO A 18 -19.96 11.18 -8.73
C PRO A 18 -20.12 12.07 -7.51
N GLU A 19 -21.36 12.44 -7.19
CA GLU A 19 -21.59 13.25 -5.99
C GLU A 19 -21.07 12.44 -4.82
N GLY A 20 -20.42 13.10 -3.90
CA GLY A 20 -19.89 12.45 -2.70
C GLY A 20 -18.52 11.80 -2.88
N PHE A 21 -17.96 11.86 -4.10
CA PHE A 21 -16.65 11.25 -4.37
C PHE A 21 -15.58 11.87 -3.44
N VAL A 22 -14.80 11.01 -2.79
CA VAL A 22 -13.87 11.46 -1.75
C VAL A 22 -12.45 11.71 -2.30
N PHE A 23 -11.92 12.91 -2.10
CA PHE A 23 -10.54 13.19 -2.47
C PHE A 23 -9.68 13.36 -1.23
N GLY A 24 -8.51 12.74 -1.25
CA GLY A 24 -7.63 12.81 -0.11
C GLY A 24 -6.18 12.69 -0.48
N THR A 25 -5.33 12.70 0.55
CA THR A 25 -3.91 12.41 0.38
C THR A 25 -3.59 11.29 1.34
N ALA A 26 -2.47 10.62 1.11
CA ALA A 26 -2.09 9.45 1.90
C ALA A 26 -0.69 9.61 2.49
N SER A 27 -0.51 8.92 3.62
CA SER A 27 0.72 8.89 4.38
C SER A 27 0.82 7.50 5.03
N ALA A 28 1.97 7.22 5.66
CA ALA A 28 2.18 6.02 6.47
C ALA A 28 3.02 6.41 7.67
N ALA A 29 2.78 5.75 8.81
CA ALA A 29 3.42 6.14 10.07
C ALA A 29 4.93 6.14 9.97
N TYR A 30 5.51 5.05 9.50
CA TYR A 30 6.96 4.96 9.60
C TYR A 30 7.63 5.96 8.67
N GLN A 31 6.95 6.26 7.56
CA GLN A 31 7.55 7.17 6.56
C GLN A 31 7.43 8.64 6.96
N TYR A 32 6.53 8.93 7.90
CA TYR A 32 6.17 10.31 8.25
C TYR A 32 6.48 10.75 9.67
N GLU A 33 6.21 9.87 10.65
CA GLU A 33 6.09 10.32 12.02
C GLU A 33 7.35 10.82 12.71
N GLY A 34 8.44 10.07 12.57
CA GLY A 34 9.64 10.28 13.39
C GLY A 34 9.28 9.94 14.85
N ALA A 35 9.92 10.61 15.81
CA ALA A 35 9.67 10.34 17.24
C ALA A 35 9.71 8.83 17.54
N VAL A 36 10.69 8.12 17.00
CA VAL A 36 10.73 6.65 17.07
C VAL A 36 10.90 6.09 18.47
N LYS A 37 11.52 6.87 19.36
CA LYS A 37 11.73 6.42 20.73
C LYS A 37 10.89 7.26 21.71
N GLU A 38 9.85 7.93 21.21
CA GLU A 38 9.07 8.85 22.04
C GLU A 38 7.80 8.18 22.57
N ASP A 39 7.40 8.59 23.78
CA ASP A 39 6.08 8.22 24.35
C ASP A 39 5.87 6.70 24.35
N GLY A 40 6.91 5.95 24.66
CA GLY A 40 6.77 4.51 24.85
C GLY A 40 6.77 3.63 23.61
N ARG A 41 6.96 4.23 22.44
CA ARG A 41 6.95 3.47 21.19
C ARG A 41 7.96 2.33 21.19
N GLY A 42 7.50 1.13 20.83
CA GLY A 42 8.38 -0.04 20.71
C GLY A 42 9.11 -0.09 19.37
N GLN A 43 10.24 -0.79 19.36
CA GLN A 43 11.02 -1.02 18.16
C GLN A 43 10.21 -1.83 17.15
N THR A 44 10.36 -1.48 15.87
CA THR A 44 9.76 -2.28 14.80
C THR A 44 10.80 -2.95 13.91
N ILE A 45 10.35 -3.85 13.05
CA ILE A 45 11.24 -4.50 12.09
C ILE A 45 11.87 -3.46 11.15
N TRP A 46 11.19 -2.34 10.94
CA TRP A 46 11.76 -1.30 10.05
C TRP A 46 12.81 -0.45 10.75
N ASP A 47 12.69 -0.27 12.07
CA ASP A 47 13.77 0.39 12.83
C ASP A 47 15.04 -0.47 12.69
N THR A 48 14.88 -1.76 12.90
CA THR A 48 15.97 -2.73 12.78
C THR A 48 16.57 -2.69 11.38
N PHE A 49 15.69 -2.80 10.37
CA PHE A 49 16.10 -2.79 8.97
C PHE A 49 16.85 -1.49 8.61
N ALA A 50 16.27 -0.34 8.96
CA ALA A 50 16.87 0.97 8.64
C ALA A 50 18.22 1.18 9.32
N HIS A 51 18.45 0.48 10.43
CA HIS A 51 19.69 0.61 11.20
C HIS A 51 20.69 -0.54 10.94
N THR A 52 20.47 -1.25 9.84
CA THR A 52 21.34 -2.33 9.43
C THR A 52 22.05 -1.93 8.16
N PHE A 53 23.36 -2.16 8.13
CA PHE A 53 24.13 -1.87 6.93
C PHE A 53 23.57 -2.50 5.66
N GLY A 54 23.49 -1.71 4.59
CA GLY A 54 23.20 -2.23 3.26
C GLY A 54 21.74 -2.19 2.85
N LYS A 55 20.87 -1.90 3.81
CA LYS A 55 19.42 -2.07 3.59
C LYS A 55 18.75 -0.84 2.99
N ILE A 56 19.31 0.34 3.27
CA ILE A 56 18.76 1.58 2.72
C ILE A 56 19.76 2.22 1.79
N THR A 57 19.33 2.49 0.56
CA THR A 57 20.25 2.84 -0.53
C THR A 57 21.01 4.13 -0.29
N ASP A 58 20.38 5.08 0.40
CA ASP A 58 21.02 6.38 0.68
C ASP A 58 21.50 6.48 2.11
N PHE A 59 21.57 5.32 2.79
CA PHE A 59 22.12 5.20 4.15
C PHE A 59 21.30 5.97 5.19
N SER A 60 20.05 6.29 4.87
CA SER A 60 19.24 7.12 5.75
C SER A 60 18.36 6.27 6.65
N ASN A 61 17.67 6.95 7.57
CA ASN A 61 16.67 6.31 8.40
C ASN A 61 15.49 7.26 8.63
N ALA A 62 14.45 6.78 9.28
CA ALA A 62 13.25 7.57 9.54
C ALA A 62 13.09 7.84 11.04
N ASP A 63 14.22 7.97 11.75
CA ASP A 63 14.17 8.30 13.19
C ASP A 63 13.41 9.62 13.40
N VAL A 64 13.60 10.55 12.47
CA VAL A 64 12.92 11.83 12.50
C VAL A 64 11.87 11.91 11.37
N ALA A 65 12.22 11.38 10.20
CA ALA A 65 11.37 11.44 9.00
C ALA A 65 10.94 12.89 8.77
N VAL A 66 9.64 13.17 8.68
CA VAL A 66 9.16 14.57 8.50
C VAL A 66 8.49 15.10 9.78
N ASP A 67 8.67 14.35 10.87
CA ASP A 67 8.26 14.77 12.20
C ASP A 67 6.75 15.02 12.30
N GLN A 68 5.96 14.25 11.56
CA GLN A 68 4.52 14.46 11.61
C GLN A 68 3.94 14.12 12.99
N TYR A 69 4.66 13.31 13.77
CA TYR A 69 4.24 13.04 15.14
C TYR A 69 4.02 14.34 15.91
N HIS A 70 4.89 15.33 15.69
CA HIS A 70 4.78 16.61 16.37
C HIS A 70 4.05 17.66 15.53
N ARG A 71 4.10 17.52 14.21
CA ARG A 71 3.70 18.61 13.31
C ARG A 71 2.36 18.37 12.62
N PHE A 72 1.59 17.41 13.10
CA PHE A 72 0.36 17.03 12.38
C PHE A 72 -0.64 18.19 12.21
N GLU A 73 -0.68 19.12 13.16
CA GLU A 73 -1.65 20.23 13.02
C GLU A 73 -1.29 21.14 11.84
N GLU A 74 -0.01 21.46 11.69
CA GLU A 74 0.46 22.18 10.49
C GLU A 74 0.02 21.43 9.21
N ASP A 75 0.36 20.14 9.15
CA ASP A 75 0.06 19.34 7.97
C ASP A 75 -1.44 19.29 7.67
N ILE A 76 -2.27 19.29 8.72
CA ILE A 76 -3.72 19.29 8.52
C ILE A 76 -4.14 20.58 7.85
N GLN A 77 -3.54 21.70 8.27
CA GLN A 77 -3.76 22.96 7.58
C GLN A 77 -3.36 22.88 6.10
N LEU A 78 -2.24 22.22 5.82
CA LEU A 78 -1.74 22.09 4.43
C LEU A 78 -2.70 21.25 3.56
N MET A 79 -3.38 20.30 4.19
CA MET A 79 -4.45 19.54 3.54
C MET A 79 -5.67 20.41 3.26
N ALA A 80 -6.11 21.13 4.29
CA ALA A 80 -7.29 21.98 4.20
C ALA A 80 -7.10 23.06 3.15
N ASP A 81 -5.86 23.50 2.98
CA ASP A 81 -5.53 24.51 1.95
C ASP A 81 -5.91 24.06 0.55
N MET A 82 -5.95 22.75 0.31
CA MET A 82 -6.35 22.22 -1.00
C MET A 82 -7.83 21.84 -1.08
N GLY A 83 -8.51 21.84 0.06
CA GLY A 83 -9.90 21.38 0.15
C GLY A 83 -10.06 19.88 0.19
N MET A 84 -9.03 19.16 0.67
CA MET A 84 -9.07 17.70 0.77
C MET A 84 -10.23 17.24 1.68
N ASP A 85 -10.89 16.15 1.30
CA ASP A 85 -12.03 15.60 2.04
C ASP A 85 -11.57 14.62 3.12
N ALA A 86 -10.40 14.02 2.91
CA ALA A 86 -9.96 12.88 3.72
C ALA A 86 -8.44 12.79 3.76
N TYR A 87 -7.95 12.03 4.74
CA TYR A 87 -6.52 11.74 4.87
C TYR A 87 -6.33 10.30 5.25
N ARG A 88 -5.47 9.61 4.49
CA ARG A 88 -5.09 8.23 4.83
C ARG A 88 -3.85 8.32 5.67
N PHE A 89 -3.92 7.76 6.86
CA PHE A 89 -2.73 7.64 7.70
C PHE A 89 -2.75 6.26 8.36
N SER A 90 -1.60 5.79 8.83
CA SER A 90 -1.59 4.51 9.52
C SER A 90 -1.30 4.67 11.01
N ILE A 91 -1.78 3.71 11.79
CA ILE A 91 -1.43 3.61 13.20
C ILE A 91 -0.21 2.71 13.31
N ALA A 92 0.81 3.19 14.02
CA ALA A 92 1.96 2.35 14.31
C ALA A 92 1.54 1.38 15.43
N TRP A 93 1.40 0.11 15.08
CA TRP A 93 1.11 -0.96 16.04
C TRP A 93 1.99 -0.81 17.29
N SER A 94 3.29 -0.55 17.12
CA SER A 94 4.21 -0.42 18.28
C SER A 94 4.02 0.81 19.19
N ARG A 95 3.17 1.75 18.79
CA ARG A 95 2.76 2.82 19.69
C ARG A 95 1.58 2.39 20.56
N ILE A 96 0.84 1.38 20.10
CA ILE A 96 -0.36 0.87 20.79
C ILE A 96 0.06 -0.29 21.71
N TYR A 97 0.74 -1.28 21.13
CA TYR A 97 1.36 -2.37 21.89
C TYR A 97 2.84 -2.38 21.54
N PRO A 98 3.67 -1.71 22.36
CA PRO A 98 5.11 -1.64 22.05
C PRO A 98 5.74 -3.01 21.84
N ASN A 99 5.22 -4.03 22.52
CA ASN A 99 5.70 -5.40 22.38
C ASN A 99 4.77 -6.29 21.56
N GLY A 100 3.86 -5.66 20.79
CA GLY A 100 2.97 -6.39 19.86
C GLY A 100 1.74 -6.92 20.58
N VAL A 101 1.97 -7.55 21.73
CA VAL A 101 0.91 -7.98 22.64
C VAL A 101 1.28 -7.48 24.05
N GLY A 102 0.41 -7.70 25.01
CA GLY A 102 0.78 -7.40 26.40
C GLY A 102 0.26 -6.05 26.82
N GLN A 103 1.17 -5.18 27.25
CA GLN A 103 0.77 -3.93 27.90
C GLN A 103 0.37 -2.89 26.85
N VAL A 104 -0.81 -2.33 27.01
CA VAL A 104 -1.30 -1.27 26.11
C VAL A 104 -0.58 0.04 26.48
N ASN A 105 -0.17 0.80 25.47
CA ASN A 105 0.53 2.05 25.70
C ASN A 105 -0.44 3.21 25.60
N GLN A 106 -0.85 3.76 26.74
CA GLN A 106 -1.90 4.80 26.73
C GLN A 106 -1.54 6.03 25.89
N ALA A 107 -0.25 6.40 25.94
CA ALA A 107 0.24 7.53 25.18
C ALA A 107 0.03 7.35 23.67
N GLY A 108 0.04 6.10 23.20
CA GLY A 108 -0.21 5.81 21.77
C GLY A 108 -1.66 6.10 21.42
N ILE A 109 -2.56 5.63 22.28
CA ILE A 109 -3.99 5.92 22.14
C ILE A 109 -4.23 7.42 22.17
N ASP A 110 -3.64 8.10 23.14
CA ASP A 110 -3.85 9.56 23.31
C ASP A 110 -3.40 10.28 22.05
N HIS A 111 -2.28 9.84 21.48
CA HIS A 111 -1.73 10.49 20.29
C HIS A 111 -2.66 10.36 19.09
N TYR A 112 -3.07 9.14 18.75
CA TYR A 112 -3.95 8.99 17.60
C TYR A 112 -5.32 9.63 17.85
N ASN A 113 -5.78 9.64 19.10
CA ASN A 113 -7.01 10.41 19.39
C ASN A 113 -6.86 11.90 19.05
N LYS A 114 -5.73 12.47 19.40
CA LYS A 114 -5.45 13.87 19.05
C LYS A 114 -5.46 14.10 17.55
N LEU A 115 -4.84 13.18 16.82
CA LEU A 115 -4.74 13.27 15.35
C LEU A 115 -6.13 13.16 14.73
N ILE A 116 -6.87 12.14 15.15
CA ILE A 116 -8.22 11.90 14.62
C ILE A 116 -9.12 13.12 14.89
N ASP A 117 -9.08 13.63 16.13
CA ASP A 117 -9.92 14.79 16.51
C ASP A 117 -9.55 16.02 15.73
N ALA A 118 -8.25 16.25 15.54
CA ALA A 118 -7.77 17.39 14.79
C ALA A 118 -8.19 17.33 13.32
N LEU A 119 -8.13 16.14 12.71
CA LEU A 119 -8.61 15.95 11.34
C LEU A 119 -10.11 16.26 11.24
N LEU A 120 -10.88 15.66 12.13
CA LEU A 120 -12.34 15.85 12.09
C LEU A 120 -12.76 17.29 12.36
N ALA A 121 -12.00 17.99 13.19
CA ALA A 121 -12.31 19.40 13.52
C ALA A 121 -12.15 20.30 12.26
N LYS A 122 -11.27 19.88 11.35
CA LYS A 122 -11.06 20.58 10.09
C LYS A 122 -11.94 20.04 8.95
N GLY A 123 -12.79 19.07 9.26
CA GLY A 123 -13.69 18.50 8.27
C GLY A 123 -13.02 17.48 7.37
N ILE A 124 -11.93 16.89 7.84
CA ILE A 124 -11.20 15.93 7.04
C ILE A 124 -11.43 14.56 7.64
N GLN A 125 -11.95 13.65 6.83
CA GLN A 125 -12.27 12.30 7.30
C GLN A 125 -11.02 11.43 7.40
N PRO A 126 -10.80 10.78 8.56
CA PRO A 126 -9.70 9.82 8.68
C PRO A 126 -9.99 8.47 7.99
N TYR A 127 -9.06 8.03 7.14
CA TYR A 127 -9.06 6.69 6.56
C TYR A 127 -7.82 5.99 7.12
N VAL A 128 -8.05 5.04 8.01
CA VAL A 128 -6.95 4.55 8.87
C VAL A 128 -6.45 3.17 8.47
N THR A 129 -5.16 3.09 8.18
CA THR A 129 -4.49 1.81 7.92
C THR A 129 -3.98 1.23 9.25
N LEU A 130 -4.36 0.00 9.57
CA LEU A 130 -3.90 -0.61 10.80
C LEU A 130 -2.47 -1.12 10.67
N TYR A 131 -2.17 -1.70 9.50
CA TYR A 131 -0.84 -2.26 9.27
C TYR A 131 -0.17 -1.74 8.01
N HIS A 132 0.80 -0.86 8.22
CA HIS A 132 1.58 -0.33 7.08
C HIS A 132 3.05 -0.66 7.35
N TRP A 133 3.28 -1.95 7.61
CA TRP A 133 4.58 -2.62 7.49
C TRP A 133 5.46 -2.62 8.73
N ASP A 134 5.02 -1.90 9.76
CA ASP A 134 5.87 -1.64 10.93
C ASP A 134 5.57 -2.62 12.06
N LEU A 135 5.80 -3.90 11.79
CA LEU A 135 5.56 -4.95 12.81
C LEU A 135 6.44 -4.71 14.04
N PRO A 136 5.85 -4.75 15.25
CA PRO A 136 6.70 -4.72 16.45
C PRO A 136 7.81 -5.78 16.42
N GLN A 137 9.05 -5.33 16.63
CA GLN A 137 10.19 -6.23 16.60
C GLN A 137 10.02 -7.38 17.61
N ALA A 138 9.34 -7.11 18.74
CA ALA A 138 9.10 -8.15 19.75
C ALA A 138 8.45 -9.41 19.14
N LEU A 139 7.54 -9.23 18.20
CA LEU A 139 6.86 -10.35 17.54
C LEU A 139 7.75 -11.05 16.50
N GLU A 140 8.60 -10.27 15.84
CA GLU A 140 9.64 -10.84 14.97
C GLU A 140 10.57 -11.74 15.80
N ASP A 141 11.00 -11.22 16.95
CA ASP A 141 11.87 -12.01 17.85
C ASP A 141 11.14 -13.23 18.43
N LYS A 142 9.88 -13.05 18.80
CA LYS A 142 9.11 -14.07 19.52
C LYS A 142 8.86 -15.30 18.64
N TYR A 143 8.38 -15.06 17.41
CA TYR A 143 7.98 -16.15 16.51
C TYR A 143 8.19 -15.88 15.01
N LYS A 144 9.12 -14.99 14.69
CA LYS A 144 9.39 -14.58 13.30
C LYS A 144 8.13 -14.01 12.64
N GLY A 145 7.35 -13.26 13.44
CA GLY A 145 6.27 -12.40 12.91
C GLY A 145 5.29 -13.10 11.97
N TRP A 146 5.20 -12.59 10.74
CA TRP A 146 4.22 -13.09 9.75
C TRP A 146 4.39 -14.55 9.33
N LEU A 147 5.52 -15.16 9.70
CA LEU A 147 5.77 -16.57 9.41
C LEU A 147 4.98 -17.52 10.33
N ASP A 148 4.46 -16.98 11.43
CA ASP A 148 3.83 -17.85 12.43
C ASP A 148 2.34 -17.57 12.51
N ARG A 149 1.55 -18.64 12.59
CA ARG A 149 0.10 -18.49 12.71
C ARG A 149 -0.35 -17.61 13.88
N GLN A 150 0.47 -17.49 14.92
CA GLN A 150 0.14 -16.63 16.08
C GLN A 150 -0.09 -15.17 15.67
N ILE A 151 0.52 -14.77 14.55
CA ILE A 151 0.34 -13.40 14.07
C ILE A 151 -1.12 -13.08 13.83
N VAL A 152 -1.91 -14.08 13.46
CA VAL A 152 -3.32 -13.91 13.12
C VAL A 152 -4.10 -13.37 14.32
N ASP A 153 -4.01 -14.07 15.45
CA ASP A 153 -4.70 -13.64 16.66
C ASP A 153 -4.09 -12.36 17.25
N ASP A 154 -2.77 -12.19 17.13
CA ASP A 154 -2.11 -11.00 17.66
C ASP A 154 -2.51 -9.74 16.86
N PHE A 155 -2.50 -9.86 15.53
CA PHE A 155 -3.01 -8.77 14.70
C PHE A 155 -4.48 -8.46 15.03
N ALA A 156 -5.32 -9.49 15.05
CA ALA A 156 -6.75 -9.28 15.32
C ALA A 156 -7.00 -8.57 16.66
N ALA A 157 -6.20 -8.89 17.69
CA ALA A 157 -6.35 -8.25 19.00
C ALA A 157 -5.96 -6.77 18.97
N TYR A 158 -4.91 -6.48 18.21
CA TYR A 158 -4.46 -5.12 17.96
C TYR A 158 -5.55 -4.37 17.22
N ALA A 159 -6.08 -4.99 16.17
CA ALA A 159 -7.17 -4.39 15.41
C ALA A 159 -8.37 -4.06 16.32
N GLU A 160 -8.72 -5.00 17.20
CA GLU A 160 -9.85 -4.81 18.07
C GLU A 160 -9.65 -3.62 19.01
N THR A 161 -8.45 -3.49 19.53
CA THR A 161 -8.14 -2.36 20.40
C THR A 161 -8.34 -1.05 19.64
N CYS A 162 -7.91 -1.02 18.38
CA CYS A 162 -8.13 0.16 17.54
C CYS A 162 -9.63 0.42 17.29
N PHE A 163 -10.39 -0.63 16.96
CA PHE A 163 -11.85 -0.47 16.81
C PHE A 163 -12.46 0.12 18.09
N ARG A 164 -12.05 -0.43 19.23
CA ARG A 164 -12.60 -0.02 20.52
C ARG A 164 -12.25 1.43 20.85
N GLU A 165 -10.98 1.81 20.61
CA GLU A 165 -10.52 3.16 20.98
C GLU A 165 -10.93 4.25 20.00
N PHE A 166 -11.03 3.91 18.71
CA PHE A 166 -11.16 4.95 17.69
C PHE A 166 -12.38 4.84 16.78
N GLY A 167 -13.08 3.71 16.83
CA GLY A 167 -14.14 3.40 15.87
C GLY A 167 -15.43 4.20 16.03
N ASP A 168 -15.55 4.92 17.15
CA ASP A 168 -16.63 5.87 17.34
C ASP A 168 -16.49 7.04 16.36
N ARG A 169 -15.24 7.31 15.97
CA ARG A 169 -14.93 8.40 15.02
C ARG A 169 -14.42 7.91 13.68
N VAL A 170 -13.56 6.88 13.69
CA VAL A 170 -13.01 6.35 12.42
C VAL A 170 -14.02 5.41 11.77
N LYS A 171 -14.44 5.72 10.56
CA LYS A 171 -15.47 4.90 9.85
C LYS A 171 -14.93 4.16 8.66
N HIS A 172 -13.65 4.39 8.35
CA HIS A 172 -13.06 3.78 7.17
C HIS A 172 -11.72 3.18 7.56
N TRP A 173 -11.64 1.86 7.52
CA TRP A 173 -10.45 1.14 7.96
C TRP A 173 -9.85 0.35 6.82
N ILE A 174 -8.53 0.42 6.74
CA ILE A 174 -7.75 -0.43 5.87
C ILE A 174 -6.92 -1.31 6.79
N THR A 175 -7.21 -2.61 6.80
CA THR A 175 -6.50 -3.49 7.73
C THR A 175 -5.01 -3.59 7.35
N LEU A 176 -4.75 -3.85 6.07
CA LEU A 176 -3.40 -4.15 5.62
C LEU A 176 -3.06 -3.32 4.38
N ASN A 177 -1.85 -2.79 4.35
CA ASN A 177 -1.34 -2.12 3.17
C ASN A 177 -0.43 -3.06 2.38
N GLU A 178 -0.82 -3.40 1.15
CA GLU A 178 0.07 -4.11 0.20
C GLU A 178 0.66 -5.41 0.73
N PRO A 179 -0.19 -6.39 1.09
CA PRO A 179 0.36 -7.68 1.52
C PRO A 179 1.21 -8.35 0.43
N HIS A 180 0.90 -8.12 -0.86
CA HIS A 180 1.71 -8.61 -1.99
C HIS A 180 3.13 -8.04 -1.92
N THR A 181 3.26 -6.72 -1.79
CA THR A 181 4.57 -6.09 -1.63
C THR A 181 5.34 -6.69 -0.45
N VAL A 182 4.68 -6.78 0.70
CA VAL A 182 5.35 -7.34 1.88
C VAL A 182 5.86 -8.76 1.60
N ALA A 183 4.96 -9.63 1.12
CA ALA A 183 5.30 -11.05 0.89
C ALA A 183 6.50 -11.19 -0.04
N ILE A 184 6.51 -10.41 -1.13
CA ILE A 184 7.57 -10.50 -2.15
C ILE A 184 8.85 -9.77 -1.73
N GLN A 185 8.72 -8.49 -1.41
CA GLN A 185 9.91 -7.72 -1.04
C GLN A 185 10.53 -8.14 0.28
N GLY A 186 9.70 -8.61 1.20
CA GLY A 186 10.16 -8.94 2.54
C GLY A 186 10.70 -10.35 2.65
N TYR A 187 10.26 -11.25 1.74
CA TYR A 187 10.52 -12.69 1.89
C TYR A 187 10.97 -13.45 0.64
N ASP A 188 10.97 -12.77 -0.51
CA ASP A 188 11.47 -13.34 -1.74
C ASP A 188 12.71 -12.55 -2.16
N ALA A 189 12.54 -11.25 -2.39
CA ALA A 189 13.69 -10.40 -2.73
C ALA A 189 14.54 -10.02 -1.52
N GLY A 190 13.96 -10.01 -0.32
CA GLY A 190 14.64 -9.50 0.90
C GLY A 190 15.13 -8.06 0.81
N LEU A 191 14.40 -7.23 0.07
CA LEU A 191 14.75 -5.83 -0.12
C LEU A 191 14.02 -4.91 0.86
N GLN A 192 13.00 -5.44 1.52
CA GLN A 192 12.29 -4.70 2.53
C GLN A 192 12.23 -5.56 3.81
N ALA A 193 11.93 -4.93 4.93
CA ALA A 193 11.95 -5.62 6.25
C ALA A 193 10.97 -6.80 6.26
N PRO A 194 11.36 -7.94 6.88
CA PRO A 194 12.57 -8.22 7.65
C PRO A 194 13.77 -8.68 6.82
N GLY A 195 13.67 -8.57 5.51
CA GLY A 195 14.88 -8.78 4.77
C GLY A 195 15.28 -10.22 4.36
N ARG A 196 14.31 -11.11 4.14
CA ARG A 196 14.57 -12.56 4.35
C ARG A 196 14.46 -13.02 2.88
N CYS A 197 15.24 -14.04 2.50
CA CYS A 197 15.17 -14.61 1.17
C CYS A 197 16.07 -15.84 1.11
N SER A 198 16.02 -16.55 -0.02
CA SER A 198 16.97 -17.63 -0.31
C SER A 198 18.33 -17.01 -0.57
N VAL A 199 19.28 -17.25 0.32
CA VAL A 199 20.63 -16.71 0.15
C VAL A 199 21.27 -17.16 -1.18
N LEU A 200 20.87 -18.33 -1.68
CA LEU A 200 21.35 -18.80 -2.98
C LEU A 200 20.84 -17.93 -4.10
N LEU A 201 19.73 -17.23 -3.87
CA LEU A 201 19.17 -16.31 -4.86
C LEU A 201 19.69 -14.88 -4.70
N HIS A 202 19.85 -14.45 -3.44
CA HIS A 202 20.34 -13.11 -3.13
C HIS A 202 21.29 -13.20 -1.97
N LEU A 203 22.59 -12.99 -2.26
CA LEU A 203 23.63 -13.22 -1.26
C LEU A 203 23.55 -12.30 -0.02
N TYR A 204 22.86 -11.17 -0.16
CA TYR A 204 22.79 -10.18 0.92
C TYR A 204 21.89 -10.64 2.07
N CYS A 205 20.98 -11.58 1.81
CA CYS A 205 20.08 -12.08 2.89
C CYS A 205 20.81 -12.96 3.89
N LYS A 206 20.40 -12.85 5.16
CA LYS A 206 20.99 -13.64 6.24
C LYS A 206 20.28 -14.99 6.41
N ALA A 207 19.01 -15.04 6.05
CA ALA A 207 18.21 -16.27 6.16
C ALA A 207 16.95 -16.12 5.34
N GLY A 208 16.26 -17.24 5.13
CA GLY A 208 14.95 -17.17 4.48
C GLY A 208 14.83 -18.23 3.42
N ASN A 209 13.71 -18.20 2.72
CA ASN A 209 13.42 -19.16 1.66
C ASN A 209 12.40 -18.52 0.74
N SER A 210 12.88 -18.11 -0.43
CA SER A 210 12.08 -17.36 -1.40
C SER A 210 10.97 -18.18 -2.05
N GLY A 211 11.09 -19.50 -1.95
CA GLY A 211 10.12 -20.40 -2.57
C GLY A 211 8.93 -20.70 -1.66
N THR A 212 9.12 -20.57 -0.35
CA THR A 212 8.08 -21.01 0.62
C THR A 212 7.54 -19.87 1.46
N GLU A 213 8.45 -19.00 1.94
CA GLU A 213 8.07 -17.99 2.93
C GLU A 213 7.05 -16.97 2.42
N PRO A 214 7.18 -16.50 1.15
CA PRO A 214 6.18 -15.54 0.68
C PRO A 214 4.75 -16.09 0.76
N TYR A 215 4.58 -17.39 0.48
CA TYR A 215 3.23 -17.98 0.48
C TYR A 215 2.69 -18.16 1.90
N VAL A 216 3.58 -18.48 2.85
CA VAL A 216 3.19 -18.57 4.26
C VAL A 216 2.73 -17.20 4.78
N VAL A 217 3.55 -16.18 4.54
CA VAL A 217 3.25 -14.81 4.94
C VAL A 217 1.91 -14.32 4.33
N ALA A 218 1.74 -14.54 3.03
CA ALA A 218 0.51 -14.15 2.33
C ALA A 218 -0.73 -14.80 2.96
N HIS A 219 -0.62 -16.10 3.27
CA HIS A 219 -1.73 -16.86 3.87
C HIS A 219 -2.08 -16.24 5.23
N HIS A 220 -1.04 -15.91 6.00
CA HIS A 220 -1.27 -15.31 7.31
C HIS A 220 -1.88 -13.92 7.24
N PHE A 221 -1.41 -13.10 6.28
CA PHE A 221 -2.07 -11.81 6.01
C PHE A 221 -3.57 -12.00 5.76
N ILE A 222 -3.90 -12.97 4.92
CA ILE A 222 -5.31 -13.20 4.55
C ILE A 222 -6.15 -13.58 5.79
N LEU A 223 -5.63 -14.52 6.56
CA LEU A 223 -6.32 -14.95 7.79
C LEU A 223 -6.40 -13.85 8.85
N ALA A 224 -5.34 -13.04 8.94
CA ALA A 224 -5.30 -11.91 9.87
C ALA A 224 -6.38 -10.90 9.52
N HIS A 225 -6.50 -10.56 8.24
CA HIS A 225 -7.59 -9.68 7.85
C HIS A 225 -8.95 -10.28 8.26
N ALA A 226 -9.14 -11.54 7.90
CA ALA A 226 -10.42 -12.23 8.14
C ALA A 226 -10.75 -12.24 9.62
N ALA A 227 -9.75 -12.47 10.46
CA ALA A 227 -9.96 -12.51 11.91
C ALA A 227 -10.36 -11.13 12.45
N ALA A 228 -9.68 -10.08 11.98
CA ALA A 228 -10.02 -8.71 12.33
C ALA A 228 -11.42 -8.33 11.82
N ALA A 229 -11.74 -8.75 10.58
CA ALA A 229 -13.08 -8.48 10.00
C ALA A 229 -14.22 -9.18 10.75
N SER A 230 -13.99 -10.41 11.20
CA SER A 230 -14.98 -11.14 11.98
CA SER A 230 -14.99 -11.14 11.98
C SER A 230 -15.27 -10.39 13.28
N ILE A 231 -14.21 -9.94 13.98
CA ILE A 231 -14.39 -9.14 15.19
C ILE A 231 -15.15 -7.86 14.88
N TYR A 232 -14.75 -7.16 13.82
CA TYR A 232 -15.45 -5.93 13.46
C TYR A 232 -16.95 -6.14 13.23
N ARG A 233 -17.28 -7.13 12.40
CA ARG A 233 -18.67 -7.38 12.01
CA ARG A 233 -18.67 -7.40 12.01
C ARG A 233 -19.53 -7.85 13.18
N THR A 234 -18.97 -8.74 14.00
CA THR A 234 -19.72 -9.29 15.14
C THR A 234 -19.92 -8.34 16.32
N LYS A 235 -18.92 -7.49 16.58
CA LYS A 235 -18.91 -6.65 17.76
C LYS A 235 -19.02 -5.14 17.59
N TYR A 236 -18.56 -4.58 16.47
CA TYR A 236 -18.39 -3.10 16.35
C TYR A 236 -19.22 -2.45 15.23
N LYS A 237 -19.40 -3.18 14.13
CA LYS A 237 -20.00 -2.59 12.91
C LYS A 237 -21.42 -2.09 13.11
N ALA A 238 -22.24 -2.86 13.85
CA ALA A 238 -23.63 -2.46 14.02
C ALA A 238 -23.72 -1.10 14.71
N THR A 239 -22.88 -0.86 15.73
CA THR A 239 -22.96 0.43 16.42
C THR A 239 -22.09 1.51 15.78
N GLN A 240 -20.94 1.12 15.24
CA GLN A 240 -20.02 2.11 14.68
C GLN A 240 -20.33 2.50 13.23
N ASN A 241 -20.92 1.56 12.48
CA ASN A 241 -21.39 1.87 11.12
CA ASN A 241 -21.35 1.75 11.09
C ASN A 241 -20.26 2.24 10.13
N GLY A 242 -19.09 1.63 10.28
CA GLY A 242 -17.98 1.90 9.38
C GLY A 242 -17.77 0.73 8.45
N GLN A 243 -16.62 0.72 7.77
CA GLN A 243 -16.33 -0.30 6.77
C GLN A 243 -14.85 -0.67 6.77
N LEU A 244 -14.55 -1.89 6.31
CA LEU A 244 -13.18 -2.43 6.29
C LEU A 244 -12.76 -2.85 4.91
N GLY A 245 -11.55 -2.47 4.53
CA GLY A 245 -10.96 -2.91 3.28
C GLY A 245 -9.49 -3.21 3.47
N ILE A 246 -8.80 -3.41 2.34
CA ILE A 246 -7.36 -3.63 2.25
C ILE A 246 -6.86 -2.82 1.06
N ALA A 247 -5.61 -2.37 1.12
CA ALA A 247 -5.01 -1.64 0.02
C ALA A 247 -4.08 -2.61 -0.69
N PHE A 248 -4.44 -2.98 -1.92
CA PHE A 248 -3.65 -3.90 -2.73
C PHE A 248 -2.76 -3.12 -3.69
N ASP A 249 -1.48 -3.46 -3.73
CA ASP A 249 -0.61 -2.93 -4.79
C ASP A 249 -0.89 -3.64 -6.11
N VAL A 250 -1.20 -2.85 -7.15
CA VAL A 250 -1.61 -3.46 -8.40
C VAL A 250 -1.04 -2.69 -9.59
N MET A 251 -0.06 -3.29 -10.25
CA MET A 251 0.32 -2.87 -11.61
C MET A 251 -0.69 -3.40 -12.60
N TRP A 252 -0.99 -2.62 -13.64
CA TRP A 252 -1.71 -3.16 -14.78
C TRP A 252 -0.72 -3.90 -15.69
N PHE A 253 -1.17 -4.99 -16.31
CA PHE A 253 -0.32 -5.77 -17.21
C PHE A 253 -0.97 -5.88 -18.58
N GLU A 254 -0.19 -5.50 -19.60
CA GLU A 254 -0.60 -5.67 -20.99
C GLU A 254 0.26 -6.73 -21.66
N PRO A 255 -0.29 -7.46 -22.64
CA PRO A 255 0.52 -8.53 -23.26
C PRO A 255 1.70 -7.93 -24.03
N MET A 256 2.88 -8.54 -23.93
CA MET A 256 4.05 -8.03 -24.65
C MET A 256 3.93 -8.20 -26.17
N SER A 257 3.08 -9.13 -26.60
CA SER A 257 2.82 -9.34 -28.02
C SER A 257 1.36 -9.68 -28.20
N ASN A 258 0.85 -9.53 -29.41
CA ASN A 258 -0.54 -9.84 -29.69
C ASN A 258 -0.65 -11.32 -30.03
N THR A 259 -0.35 -12.16 -29.05
CA THR A 259 -0.46 -13.61 -29.16
C THR A 259 -1.25 -14.09 -27.96
N THR A 260 -1.99 -15.17 -28.13
CA THR A 260 -2.78 -15.65 -27.02
C THR A 260 -1.89 -16.07 -25.85
N ILE A 261 -0.69 -16.58 -26.12
CA ILE A 261 0.23 -16.98 -25.05
C ILE A 261 0.57 -15.78 -24.13
N ASP A 262 0.85 -14.63 -24.73
CA ASP A 262 1.16 -13.41 -23.96
C ASP A 262 -0.09 -12.75 -23.39
N ILE A 263 -1.22 -12.84 -24.07
CA ILE A 263 -2.47 -12.35 -23.51
C ILE A 263 -2.81 -13.13 -22.22
N GLU A 264 -2.70 -14.46 -22.28
CA GLU A 264 -2.90 -15.32 -21.10
C GLU A 264 -1.86 -15.05 -20.00
N ALA A 265 -0.61 -14.78 -20.39
CA ALA A 265 0.45 -14.48 -19.43
C ALA A 265 0.12 -13.19 -18.68
N ALA A 266 -0.37 -12.17 -19.37
CA ALA A 266 -0.74 -10.92 -18.70
C ALA A 266 -1.85 -11.16 -17.68
N LYS A 267 -2.82 -11.98 -18.08
CA LYS A 267 -3.91 -12.35 -17.16
C LYS A 267 -3.40 -13.12 -15.95
N ARG A 268 -2.47 -14.04 -16.20
CA ARG A 268 -1.90 -14.86 -15.13
C ARG A 268 -1.06 -14.01 -14.18
N ALA A 269 -0.31 -13.06 -14.73
CA ALA A 269 0.49 -12.15 -13.89
C ALA A 269 -0.43 -11.36 -12.96
N GLN A 270 -1.60 -10.95 -13.47
CA GLN A 270 -2.57 -10.25 -12.65
C GLN A 270 -3.10 -11.15 -11.52
N GLU A 271 -3.36 -12.41 -11.85
CA GLU A 271 -3.91 -13.35 -10.85
C GLU A 271 -2.89 -13.63 -9.75
N PHE A 272 -1.61 -13.66 -10.10
CA PHE A 272 -0.56 -13.84 -9.12
C PHE A 272 -0.28 -12.59 -8.27
N GLN A 273 -0.69 -11.41 -8.74
CA GLN A 273 -0.46 -10.16 -8.02
C GLN A 273 -1.68 -9.74 -7.18
N LEU A 274 -2.82 -9.53 -7.85
CA LEU A 274 -4.05 -9.15 -7.16
C LEU A 274 -4.84 -10.36 -6.72
N GLY A 275 -5.00 -11.32 -7.63
CA GLY A 275 -5.84 -12.51 -7.40
C GLY A 275 -5.38 -13.33 -6.20
N TRP A 276 -4.07 -13.38 -5.99
CA TRP A 276 -3.47 -14.07 -4.85
C TRP A 276 -4.22 -13.74 -3.54
N PHE A 277 -4.61 -12.49 -3.40
CA PHE A 277 -5.36 -12.01 -2.24
C PHE A 277 -6.84 -11.84 -2.49
N ALA A 278 -7.20 -11.24 -3.62
CA ALA A 278 -8.60 -10.94 -3.86
C ALA A 278 -9.44 -12.18 -4.17
N ASP A 279 -8.85 -13.19 -4.83
CA ASP A 279 -9.67 -14.37 -5.13
C ASP A 279 -10.13 -15.05 -3.80
N PRO A 280 -9.20 -15.22 -2.83
CA PRO A 280 -9.69 -15.66 -1.52
C PRO A 280 -10.83 -14.80 -0.91
N PHE A 281 -10.68 -13.49 -0.96
CA PHE A 281 -11.70 -12.61 -0.33
C PHE A 281 -13.01 -12.57 -1.07
N PHE A 282 -13.00 -12.91 -2.35
CA PHE A 282 -14.25 -12.92 -3.14
C PHE A 282 -14.82 -14.32 -3.43
N PHE A 283 -13.94 -15.31 -3.56
CA PHE A 283 -14.37 -16.64 -3.98
C PHE A 283 -14.05 -17.72 -2.96
N GLY A 284 -13.25 -17.40 -1.95
CA GLY A 284 -12.93 -18.37 -0.88
C GLY A 284 -11.74 -19.30 -1.13
N ASP A 285 -10.98 -19.04 -2.20
CA ASP A 285 -9.77 -19.84 -2.49
C ASP A 285 -8.80 -19.03 -3.35
N TYR A 286 -7.56 -19.50 -3.41
CA TYR A 286 -6.56 -18.92 -4.32
C TYR A 286 -6.93 -19.12 -5.79
N PRO A 287 -6.38 -18.28 -6.70
CA PRO A 287 -6.64 -18.57 -8.11
C PRO A 287 -6.14 -19.94 -8.51
N ALA A 288 -6.90 -20.62 -9.38
CA ALA A 288 -6.52 -21.95 -9.91
C ALA A 288 -5.11 -21.98 -10.49
N THR A 289 -4.70 -20.90 -11.16
CA THR A 289 -3.36 -20.84 -11.77
C THR A 289 -2.27 -20.91 -10.70
N MET A 290 -2.52 -20.33 -9.52
CA MET A 290 -1.57 -20.42 -8.42
C MET A 290 -1.53 -21.84 -7.83
N ARG A 291 -2.71 -22.42 -7.61
CA ARG A 291 -2.78 -23.80 -7.11
C ARG A 291 -1.99 -24.73 -8.06
N ALA A 292 -2.22 -24.58 -9.35
CA ALA A 292 -1.55 -25.36 -10.38
C ALA A 292 -0.02 -25.24 -10.38
N ARG A 293 0.50 -24.01 -10.23
CA ARG A 293 1.94 -23.76 -10.44
CA ARG A 293 1.94 -23.76 -10.43
C ARG A 293 2.76 -23.77 -9.14
N VAL A 294 2.11 -23.44 -8.03
CA VAL A 294 2.79 -23.36 -6.75
C VAL A 294 2.65 -24.68 -5.98
N GLY A 295 1.55 -25.38 -6.24
CA GLY A 295 1.37 -26.73 -5.68
C GLY A 295 1.39 -26.75 -4.17
N GLU A 296 2.17 -27.66 -3.60
CA GLU A 296 2.15 -27.88 -2.16
C GLU A 296 2.74 -26.73 -1.34
N ARG A 297 3.43 -25.80 -2.00
CA ARG A 297 3.99 -24.64 -1.31
C ARG A 297 2.90 -23.59 -1.05
N LEU A 298 1.73 -23.78 -1.64
CA LEU A 298 0.62 -22.84 -1.47
C LEU A 298 -0.33 -23.41 -0.43
N PRO A 299 -0.45 -22.75 0.74
CA PRO A 299 -1.33 -23.27 1.79
C PRO A 299 -2.77 -23.44 1.34
N ARG A 300 -3.50 -24.33 2.01
CA ARG A 300 -4.90 -24.55 1.73
C ARG A 300 -5.75 -24.00 2.86
N PHE A 301 -6.83 -23.32 2.52
CA PHE A 301 -7.79 -22.92 3.56
C PHE A 301 -8.62 -24.12 3.98
N THR A 302 -8.92 -24.23 5.27
CA THR A 302 -9.95 -25.16 5.70
C THR A 302 -11.32 -24.59 5.29
N ALA A 303 -12.36 -25.41 5.38
CA ALA A 303 -13.71 -24.95 5.12
C ALA A 303 -14.14 -23.80 6.03
N ASP A 304 -13.82 -23.89 7.33
CA ASP A 304 -14.15 -22.83 8.28
C ASP A 304 -13.39 -21.53 8.01
N GLU A 305 -12.13 -21.66 7.59
CA GLU A 305 -11.32 -20.52 7.21
C GLU A 305 -11.87 -19.85 5.96
N ALA A 306 -12.20 -20.66 4.94
CA ALA A 306 -12.75 -20.12 3.68
C ALA A 306 -14.03 -19.34 3.97
N ALA A 307 -14.81 -19.84 4.92
CA ALA A 307 -16.09 -19.21 5.28
C ALA A 307 -15.94 -17.85 5.98
N VAL A 308 -14.79 -17.64 6.64
CA VAL A 308 -14.52 -16.35 7.29
C VAL A 308 -13.80 -15.39 6.34
N VAL A 309 -13.06 -15.97 5.41
CA VAL A 309 -12.28 -15.18 4.42
C VAL A 309 -13.16 -14.65 3.28
N LYS A 310 -14.05 -15.49 2.78
CA LYS A 310 -14.90 -15.12 1.65
C LYS A 310 -15.91 -14.06 2.08
N GLY A 311 -15.91 -12.95 1.36
CA GLY A 311 -16.76 -11.79 1.70
C GLY A 311 -16.24 -10.86 2.80
N ALA A 312 -14.98 -11.01 3.19
CA ALA A 312 -14.43 -10.26 4.31
C ALA A 312 -14.06 -8.80 4.03
N LEU A 313 -14.17 -8.38 2.77
CA LEU A 313 -13.93 -6.98 2.40
C LEU A 313 -15.25 -6.23 2.24
N ASP A 314 -15.31 -5.00 2.74
CA ASP A 314 -16.40 -4.08 2.41
C ASP A 314 -16.06 -3.28 1.15
N PHE A 315 -14.77 -3.05 0.97
CA PHE A 315 -14.31 -2.31 -0.21
C PHE A 315 -12.92 -2.79 -0.61
N VAL A 316 -12.56 -2.50 -1.84
CA VAL A 316 -11.24 -2.84 -2.37
C VAL A 316 -10.46 -1.54 -2.50
N GLY A 317 -9.37 -1.43 -1.74
CA GLY A 317 -8.39 -0.36 -1.95
C GLY A 317 -7.40 -0.75 -3.02
N ILE A 318 -7.25 0.12 -4.01
CA ILE A 318 -6.27 -0.09 -5.09
C ILE A 318 -5.15 0.95 -4.99
N ASN A 319 -3.94 0.45 -4.79
CA ASN A 319 -2.72 1.22 -4.89
C ASN A 319 -2.16 1.03 -6.29
N HIS A 320 -2.25 2.05 -7.13
CA HIS A 320 -1.91 1.84 -8.52
C HIS A 320 -1.05 2.98 -9.04
N TYR A 321 0.03 2.62 -9.74
CA TYR A 321 0.95 3.60 -10.32
C TYR A 321 1.21 3.41 -11.79
N THR A 322 1.29 2.15 -12.22
CA THR A 322 2.01 1.87 -13.45
C THR A 322 1.50 0.62 -14.15
N THR A 323 1.94 0.46 -15.41
CA THR A 323 1.56 -0.65 -16.25
C THR A 323 2.83 -1.17 -16.90
N TYR A 324 2.99 -2.50 -16.92
CA TYR A 324 4.10 -3.16 -17.62
C TYR A 324 3.55 -4.09 -18.69
N TYR A 325 4.44 -4.48 -19.59
CA TYR A 325 4.19 -5.55 -20.55
C TYR A 325 4.54 -6.86 -19.89
N THR A 326 3.78 -7.89 -20.23
CA THR A 326 4.03 -9.23 -19.72
C THR A 326 4.13 -10.24 -20.85
N ARG A 327 5.16 -11.08 -20.77
CA ARG A 327 5.25 -12.22 -21.67
C ARG A 327 5.28 -13.51 -20.87
N HIS A 328 4.87 -14.58 -21.54
CA HIS A 328 5.05 -15.94 -21.05
C HIS A 328 6.54 -16.21 -20.82
N ASN A 329 6.86 -16.95 -19.76
CA ASN A 329 8.24 -17.33 -19.50
C ASN A 329 8.33 -18.75 -18.95
N ASN A 330 9.30 -19.51 -19.46
CA ASN A 330 9.63 -20.80 -18.89
C ASN A 330 10.98 -20.70 -18.22
N THR A 331 11.05 -21.18 -16.98
CA THR A 331 12.30 -21.32 -16.24
C THR A 331 13.24 -22.23 -17.04
N ASN A 332 14.54 -21.99 -16.97
CA ASN A 332 15.52 -22.83 -17.66
C ASN A 332 15.41 -24.31 -17.28
N ILE A 333 15.13 -25.15 -18.28
CA ILE A 333 14.97 -26.59 -18.04
C ILE A 333 16.27 -27.21 -17.49
N ILE A 334 17.39 -26.60 -17.85
CA ILE A 334 18.71 -27.02 -17.33
C ILE A 334 19.22 -25.99 -16.32
N GLY A 335 19.63 -26.48 -15.16
CA GLY A 335 20.09 -25.64 -14.06
C GLY A 335 19.38 -26.08 -12.80
N THR A 336 20.00 -25.85 -11.64
CA THR A 336 19.29 -26.15 -10.40
C THR A 336 18.22 -25.08 -10.15
N LEU A 337 17.00 -25.54 -9.90
CA LEU A 337 15.87 -24.65 -9.67
C LEU A 337 15.92 -24.06 -8.26
N LEU A 338 15.88 -22.73 -8.19
CA LEU A 338 15.75 -22.06 -6.91
C LEU A 338 14.39 -21.38 -6.90
N ASN A 339 13.42 -22.02 -6.25
CA ASN A 339 12.03 -21.55 -6.26
C ASN A 339 11.91 -20.10 -5.80
N ASN A 340 11.07 -19.34 -6.50
CA ASN A 340 10.82 -17.95 -6.14
C ASN A 340 9.50 -17.54 -6.78
N THR A 341 8.95 -16.41 -6.34
CA THR A 341 7.59 -16.08 -6.76
C THR A 341 7.47 -15.71 -8.23
N LEU A 342 8.44 -14.98 -8.77
CA LEU A 342 8.38 -14.62 -10.20
C LEU A 342 8.40 -15.88 -11.07
N ALA A 343 9.30 -16.80 -10.75
CA ALA A 343 9.40 -18.07 -11.47
C ALA A 343 8.08 -18.85 -11.45
N ASP A 344 7.44 -18.86 -10.29
CA ASP A 344 6.14 -19.51 -10.12
C ASP A 344 5.05 -18.93 -11.04
N THR A 345 5.12 -17.62 -11.33
CA THR A 345 4.09 -17.00 -12.18
C THR A 345 4.09 -17.54 -13.63
N GLY A 346 5.22 -18.04 -14.10
CA GLY A 346 5.35 -18.40 -15.52
C GLY A 346 5.31 -17.19 -16.44
N THR A 347 5.73 -16.04 -15.89
CA THR A 347 5.73 -14.80 -16.65
C THR A 347 6.99 -13.98 -16.37
N VAL A 348 7.27 -13.04 -17.26
CA VAL A 348 8.21 -11.94 -17.00
C VAL A 348 7.49 -10.66 -17.38
N SER A 349 7.51 -9.67 -16.50
CA SER A 349 6.85 -8.39 -16.79
C SER A 349 7.88 -7.27 -16.74
N LEU A 350 7.83 -6.42 -17.76
CA LEU A 350 8.85 -5.39 -17.98
C LEU A 350 8.20 -4.14 -18.59
N PRO A 351 8.77 -2.96 -18.30
CA PRO A 351 8.21 -1.75 -18.88
C PRO A 351 8.71 -1.45 -20.29
N PHE A 352 9.33 -2.45 -20.93
CA PHE A 352 9.91 -2.30 -22.28
C PHE A 352 9.38 -3.36 -23.23
N LYS A 353 9.14 -2.96 -24.48
CA LYS A 353 8.78 -3.89 -25.54
C LYS A 353 9.68 -3.53 -26.70
N ASN A 354 10.51 -4.50 -27.11
CA ASN A 354 11.48 -4.28 -28.20
C ASN A 354 12.39 -3.10 -27.88
N GLY A 355 12.77 -2.97 -26.60
CA GLY A 355 13.64 -1.88 -26.15
C GLY A 355 12.97 -0.51 -26.02
N LYS A 356 11.68 -0.43 -26.33
CA LYS A 356 10.96 0.84 -26.27
C LYS A 356 10.16 0.89 -24.98
N PRO A 357 10.41 1.92 -24.14
CA PRO A 357 9.64 2.00 -22.87
C PRO A 357 8.14 2.21 -23.08
N ILE A 358 7.34 1.66 -22.18
CA ILE A 358 5.90 1.76 -22.24
C ILE A 358 5.42 3.23 -22.05
N GLY A 359 6.28 4.04 -21.45
CA GLY A 359 5.94 5.44 -21.28
C GLY A 359 7.11 6.19 -20.67
N ASP A 360 6.88 7.47 -20.41
CA ASP A 360 7.79 8.28 -19.63
CA ASP A 360 7.81 8.27 -19.63
C ASP A 360 7.95 7.65 -18.24
N ARG A 361 9.06 7.95 -17.57
CA ARG A 361 9.28 7.40 -16.25
C ARG A 361 9.38 8.55 -15.24
N ALA A 362 8.85 8.32 -14.03
CA ALA A 362 9.06 9.23 -12.90
C ALA A 362 10.48 8.98 -12.33
N ASN A 363 10.79 9.59 -11.19
CA ASN A 363 12.08 9.31 -10.54
C ASN A 363 12.32 7.83 -10.23
N SER A 364 11.32 7.17 -9.66
CA SER A 364 11.47 5.78 -9.27
C SER A 364 11.68 4.91 -10.50
N ILE A 365 12.67 4.03 -10.43
CA ILE A 365 13.07 3.18 -11.56
C ILE A 365 11.93 2.25 -12.05
N TRP A 366 10.97 2.00 -11.16
CA TRP A 366 9.83 1.12 -11.46
C TRP A 366 8.58 1.86 -11.96
N LEU A 367 8.58 3.19 -11.90
CA LEU A 367 7.33 3.96 -12.06
C LEU A 367 7.21 4.57 -13.48
N TYR A 368 6.55 3.83 -14.36
CA TYR A 368 6.28 4.29 -15.72
C TYR A 368 4.89 4.87 -15.82
N ILE A 369 4.80 5.95 -16.58
CA ILE A 369 3.59 6.77 -16.62
C ILE A 369 2.71 6.29 -17.75
N VAL A 370 1.61 5.63 -17.38
CA VAL A 370 0.72 4.96 -18.33
C VAL A 370 -0.71 5.13 -17.85
N PRO A 371 -1.28 6.33 -18.07
CA PRO A 371 -2.60 6.68 -17.57
C PRO A 371 -3.72 5.69 -17.92
N ARG A 372 -3.66 5.07 -19.11
CA ARG A 372 -4.73 4.17 -19.53
C ARG A 372 -4.83 2.97 -18.58
N GLY A 373 -3.72 2.63 -17.93
CA GLY A 373 -3.70 1.47 -17.00
C GLY A 373 -4.73 1.61 -15.89
N MET A 374 -4.97 2.86 -15.47
CA MET A 374 -5.96 3.14 -14.42
C MET A 374 -7.35 2.71 -14.88
N ARG A 375 -7.70 3.03 -16.13
CA ARG A 375 -9.01 2.68 -16.63
C ARG A 375 -9.15 1.18 -16.87
N SER A 376 -8.11 0.56 -17.43
CA SER A 376 -8.11 -0.86 -17.70
C SER A 376 -8.29 -1.65 -16.39
N LEU A 377 -7.56 -1.23 -15.36
CA LEU A 377 -7.59 -1.89 -14.07
C LEU A 377 -8.95 -1.79 -13.41
N MET A 378 -9.56 -0.61 -13.45
CA MET A 378 -10.90 -0.43 -12.87
C MET A 378 -11.93 -1.40 -13.50
N ASN A 379 -11.89 -1.51 -14.84
CA ASN A 379 -12.75 -2.45 -15.54
C ASN A 379 -12.49 -3.90 -15.19
N TYR A 380 -11.21 -4.26 -15.06
CA TYR A 380 -10.81 -5.59 -14.65
C TYR A 380 -11.39 -5.96 -13.29
N VAL A 381 -11.29 -5.06 -12.33
CA VAL A 381 -11.75 -5.33 -10.97
C VAL A 381 -13.27 -5.48 -10.97
N LYS A 382 -13.94 -4.58 -11.67
CA LYS A 382 -15.40 -4.60 -11.80
C LYS A 382 -15.85 -5.95 -12.35
N GLU A 383 -15.19 -6.39 -13.41
CA GLU A 383 -15.59 -7.62 -14.09
C GLU A 383 -15.30 -8.87 -13.29
N ARG A 384 -14.09 -8.96 -12.72
CA ARG A 384 -13.68 -10.19 -12.06
C ARG A 384 -14.40 -10.39 -10.75
N TYR A 385 -14.67 -9.29 -10.04
CA TYR A 385 -15.15 -9.37 -8.67
C TYR A 385 -16.58 -8.85 -8.48
N ASN A 386 -17.29 -8.68 -9.61
CA ASN A 386 -18.72 -8.32 -9.56
C ASN A 386 -18.95 -6.96 -8.92
N SER A 387 -18.21 -5.99 -9.43
CA SER A 387 -18.41 -4.60 -9.10
C SER A 387 -18.38 -4.29 -7.59
N PRO A 388 -17.26 -4.64 -6.89
CA PRO A 388 -17.10 -4.22 -5.50
C PRO A 388 -16.82 -2.72 -5.44
N PRO A 389 -17.15 -2.07 -4.30
CA PRO A 389 -16.76 -0.66 -4.18
C PRO A 389 -15.24 -0.60 -4.12
N VAL A 390 -14.68 0.37 -4.83
CA VAL A 390 -13.23 0.54 -4.92
C VAL A 390 -12.85 1.96 -4.46
N TYR A 391 -11.77 2.09 -3.70
CA TYR A 391 -11.12 3.38 -3.48
C TYR A 391 -9.73 3.29 -4.10
N ILE A 392 -9.32 4.33 -4.81
CA ILE A 392 -7.89 4.43 -5.18
C ILE A 392 -7.17 4.93 -3.94
N THR A 393 -6.53 3.98 -3.24
CA THR A 393 -5.90 4.27 -1.95
C THR A 393 -4.47 4.85 -2.07
N GLU A 394 -3.94 4.86 -3.30
CA GLU A 394 -2.64 5.42 -3.60
C GLU A 394 -2.55 5.61 -5.12
N ASN A 395 -2.22 6.83 -5.52
CA ASN A 395 -1.76 7.09 -6.89
C ASN A 395 -0.92 8.38 -6.88
N GLY A 396 0.20 8.39 -7.60
CA GLY A 396 1.04 9.60 -7.67
C GLY A 396 2.38 9.27 -8.28
N MET A 397 3.33 10.21 -8.19
CA MET A 397 4.63 9.96 -8.79
C MET A 397 5.67 10.76 -8.05
N ASP A 398 6.94 10.46 -8.29
CA ASP A 398 8.00 11.12 -7.54
C ASP A 398 8.97 11.92 -8.38
N ASP A 399 9.46 12.98 -7.76
CA ASP A 399 10.56 13.77 -8.28
C ASP A 399 11.83 13.19 -7.67
N SER A 400 12.98 13.55 -8.23
CA SER A 400 14.26 13.20 -7.64
C SER A 400 14.52 14.14 -6.48
N ASN A 401 15.48 13.76 -5.62
CA ASN A 401 15.98 14.68 -4.62
C ASN A 401 17.29 15.25 -5.15
N ASN A 402 17.20 16.47 -5.71
CA ASN A 402 18.26 17.01 -6.54
C ASN A 402 18.92 18.19 -5.84
N PRO A 403 20.11 17.97 -5.25
CA PRO A 403 20.76 19.04 -4.49
C PRO A 403 21.32 20.15 -5.39
N PHE A 404 21.32 19.93 -6.70
CA PHE A 404 21.87 20.91 -7.65
C PHE A 404 20.85 21.91 -8.22
N ILE A 405 19.60 21.79 -7.79
CA ILE A 405 18.59 22.81 -8.13
C ILE A 405 18.10 23.57 -6.91
N SER A 406 17.55 24.76 -7.15
CA SER A 406 16.97 25.57 -6.09
C SER A 406 15.68 24.92 -5.60
N ILE A 407 15.27 25.24 -4.37
CA ILE A 407 13.94 24.86 -3.92
C ILE A 407 12.89 25.35 -4.92
N LYS A 408 12.99 26.60 -5.35
CA LYS A 408 12.02 27.15 -6.31
C LYS A 408 11.83 26.26 -7.54
N ASP A 409 12.93 25.77 -8.09
CA ASP A 409 12.87 24.86 -9.24
C ASP A 409 12.31 23.50 -8.86
N ALA A 410 12.65 23.01 -7.67
CA ALA A 410 12.06 21.76 -7.18
C ALA A 410 10.54 21.82 -7.04
N LEU A 411 9.97 23.02 -6.86
CA LEU A 411 8.51 23.17 -6.75
C LEU A 411 7.76 23.08 -8.07
N LYS A 412 8.48 23.11 -9.20
CA LYS A 412 7.84 23.19 -10.52
C LYS A 412 7.48 21.80 -11.01
N ASP A 413 6.49 21.19 -10.36
CA ASP A 413 6.18 19.77 -10.62
C ASP A 413 5.09 19.61 -11.68
N SER A 414 5.31 20.21 -12.85
CA SER A 414 4.37 20.07 -13.95
C SER A 414 4.21 18.61 -14.38
N LYS A 415 5.26 17.79 -14.26
CA LYS A 415 5.16 16.37 -14.60
C LYS A 415 4.15 15.67 -13.68
N ARG A 416 4.25 15.93 -12.38
CA ARG A 416 3.26 15.38 -11.44
C ARG A 416 1.83 15.89 -11.74
N ILE A 417 1.69 17.18 -12.05
CA ILE A 417 0.37 17.72 -12.40
C ILE A 417 -0.23 16.94 -13.57
N LYS A 418 0.56 16.73 -14.62
CA LYS A 418 0.13 15.99 -15.81
C LYS A 418 -0.25 14.55 -15.42
N TYR A 419 0.60 13.96 -14.57
CA TYR A 419 0.34 12.62 -14.07
C TYR A 419 -1.04 12.52 -13.41
N HIS A 420 -1.31 13.38 -12.44
CA HIS A 420 -2.58 13.34 -11.71
C HIS A 420 -3.72 13.66 -12.66
N ASN A 421 -3.51 14.64 -13.53
CA ASN A 421 -4.53 14.99 -14.49
C ASN A 421 -4.93 13.79 -15.34
N ASP A 422 -3.94 13.11 -15.89
CA ASP A 422 -4.18 12.06 -16.87
C ASP A 422 -4.75 10.81 -16.18
N TYR A 423 -4.18 10.44 -15.04
CA TYR A 423 -4.71 9.30 -14.30
C TYR A 423 -6.13 9.56 -13.79
N LEU A 424 -6.40 10.77 -13.28
CA LEU A 424 -7.77 11.10 -12.85
C LEU A 424 -8.77 11.17 -14.01
N THR A 425 -8.32 11.64 -15.18
CA THR A 425 -9.18 11.71 -16.34
C THR A 425 -9.62 10.28 -16.73
N ASN A 426 -8.66 9.37 -16.76
CA ASN A 426 -8.94 7.94 -16.95
C ASN A 426 -9.85 7.37 -15.89
N LEU A 427 -9.59 7.71 -14.62
CA LEU A 427 -10.45 7.27 -13.52
C LEU A 427 -11.88 7.78 -13.72
N ALA A 428 -12.03 9.05 -14.09
CA ALA A 428 -13.38 9.64 -14.22
C ALA A 428 -14.14 8.90 -15.32
N ALA A 429 -13.45 8.59 -16.42
CA ALA A 429 -14.04 7.84 -17.53
C ALA A 429 -14.46 6.42 -17.12
N SER A 430 -13.62 5.75 -16.33
CA SER A 430 -13.98 4.42 -15.87
C SER A 430 -15.30 4.43 -15.07
N ILE A 431 -15.52 5.50 -14.31
CA ILE A 431 -16.74 5.64 -13.52
C ILE A 431 -17.93 6.01 -14.43
N LYS A 432 -17.76 7.08 -15.20
CA LYS A 432 -18.89 7.68 -15.94
C LYS A 432 -19.28 6.84 -17.16
N GLU A 433 -18.29 6.42 -17.93
CA GLU A 433 -18.53 5.68 -19.17
CA GLU A 433 -18.54 5.68 -19.17
C GLU A 433 -18.65 4.18 -18.94
N ASP A 434 -17.82 3.64 -18.05
CA ASP A 434 -17.71 2.20 -17.90
C ASP A 434 -18.48 1.62 -16.70
N GLY A 435 -19.01 2.48 -15.83
CA GLY A 435 -19.86 2.04 -14.72
C GLY A 435 -19.12 1.44 -13.54
N CYS A 436 -17.82 1.71 -13.43
CA CYS A 436 -17.03 1.24 -12.28
C CYS A 436 -17.38 1.98 -10.97
N ASP A 437 -17.51 1.24 -9.87
CA ASP A 437 -17.97 1.80 -8.60
C ASP A 437 -16.76 2.27 -7.80
N VAL A 438 -16.22 3.41 -8.22
CA VAL A 438 -15.07 3.98 -7.51
C VAL A 438 -15.58 5.10 -6.62
N ARG A 439 -15.14 5.09 -5.36
CA ARG A 439 -15.72 5.97 -4.34
C ARG A 439 -14.82 7.11 -3.86
N GLY A 440 -13.55 7.02 -4.18
CA GLY A 440 -12.61 8.01 -3.70
C GLY A 440 -11.21 7.79 -4.25
N TYR A 441 -10.36 8.78 -4.02
CA TYR A 441 -9.01 8.84 -4.61
C TYR A 441 -8.06 9.52 -3.64
N PHE A 442 -6.96 8.85 -3.35
CA PHE A 442 -5.94 9.40 -2.44
C PHE A 442 -4.60 9.51 -3.16
N ALA A 443 -4.05 10.72 -3.18
CA ALA A 443 -2.75 11.01 -3.81
C ALA A 443 -1.67 10.54 -2.87
N TRP A 444 -0.74 9.75 -3.39
CA TRP A 444 0.54 9.57 -2.72
C TRP A 444 1.52 10.63 -3.26
N SER A 445 2.00 11.58 -2.43
CA SER A 445 1.74 11.68 -0.99
C SER A 445 1.51 13.15 -0.58
N LEU A 446 1.01 13.40 0.64
CA LEU A 446 0.86 14.79 1.17
C LEU A 446 2.25 15.44 1.00
N LEU A 447 3.33 14.79 1.46
CA LEU A 447 4.56 15.46 1.93
C LEU A 447 5.59 14.56 1.25
N ASP A 448 6.71 15.12 0.79
CA ASP A 448 7.91 14.28 0.60
C ASP A 448 8.15 13.51 1.90
N ASN A 449 8.65 12.29 1.79
CA ASN A 449 8.83 11.46 2.98
C ASN A 449 9.88 10.36 2.78
N TRP A 450 10.04 9.49 3.77
CA TRP A 450 11.07 8.47 3.67
C TRP A 450 10.55 7.29 2.86
N GLU A 451 11.09 7.12 1.66
CA GLU A 451 10.58 6.12 0.73
C GLU A 451 11.28 4.75 0.94
N TRP A 452 11.14 4.22 2.15
CA TRP A 452 11.62 2.87 2.49
C TRP A 452 13.08 2.71 2.09
N ALA A 453 13.42 1.67 1.31
CA ALA A 453 14.83 1.42 0.93
C ALA A 453 15.42 2.51 0.01
N ALA A 454 14.55 3.28 -0.65
CA ALA A 454 15.00 4.44 -1.44
C ALA A 454 15.32 5.67 -0.57
N GLY A 455 14.96 5.61 0.71
CA GLY A 455 15.22 6.70 1.65
C GLY A 455 14.67 8.05 1.20
N TYR A 456 15.48 9.10 1.34
CA TYR A 456 15.06 10.46 0.97
C TYR A 456 15.37 10.81 -0.49
N SER A 457 15.73 9.81 -1.28
CA SER A 457 16.10 10.02 -2.68
C SER A 457 14.88 10.23 -3.59
N SER A 458 13.69 9.96 -3.05
CA SER A 458 12.45 9.99 -3.81
C SER A 458 11.51 10.99 -3.15
N ARG A 459 10.97 11.92 -3.94
CA ARG A 459 10.09 12.96 -3.43
C ARG A 459 8.69 12.82 -4.03
N PHE A 460 7.79 12.19 -3.29
CA PHE A 460 6.44 11.93 -3.79
C PHE A 460 5.41 13.00 -3.41
N GLY A 461 5.82 14.02 -2.65
CA GLY A 461 4.85 14.90 -2.03
C GLY A 461 4.21 15.92 -2.94
N LEU A 462 3.00 16.34 -2.60
CA LEU A 462 2.44 17.59 -3.12
C LEU A 462 3.18 18.77 -2.49
N TYR A 463 3.63 18.59 -1.26
CA TYR A 463 4.51 19.54 -0.58
C TYR A 463 5.94 19.01 -0.57
N PHE A 464 6.87 19.91 -0.91
CA PHE A 464 8.30 19.69 -0.81
C PHE A 464 8.75 19.83 0.65
N VAL A 465 9.62 18.94 1.11
CA VAL A 465 10.15 19.06 2.47
C VAL A 465 11.64 19.39 2.41
N ASP A 466 12.02 20.52 3.03
CA ASP A 466 13.43 20.91 3.04
C ASP A 466 14.14 20.22 4.20
N TYR A 467 14.77 19.08 3.91
CA TYR A 467 15.47 18.33 4.95
C TYR A 467 16.68 19.08 5.53
N LYS A 468 17.16 20.07 4.78
CA LYS A 468 18.31 20.87 5.24
C LYS A 468 17.90 22.16 5.96
N ASP A 469 16.60 22.34 6.20
CA ASP A 469 16.09 23.52 6.91
C ASP A 469 14.91 23.14 7.83
N ASN A 470 15.20 22.30 8.81
CA ASN A 470 14.24 21.90 9.84
C ASN A 470 12.89 21.46 9.26
N LEU A 471 12.95 20.65 8.20
CA LEU A 471 11.78 19.98 7.63
C LEU A 471 10.69 20.96 7.19
N LYS A 472 11.12 22.13 6.69
CA LYS A 472 10.16 23.14 6.25
C LYS A 472 9.35 22.62 5.05
N ARG A 473 8.03 22.80 5.09
CA ARG A 473 7.15 22.43 3.99
C ARG A 473 6.96 23.61 3.03
N TYR A 474 7.13 23.36 1.73
CA TYR A 474 6.81 24.36 0.70
C TYR A 474 5.84 23.74 -0.30
N PRO A 475 4.82 24.50 -0.72
CA PRO A 475 3.91 23.87 -1.69
C PRO A 475 4.54 23.78 -3.09
N LYS A 476 4.51 22.59 -3.67
CA LYS A 476 4.84 22.43 -5.07
C LYS A 476 3.65 22.97 -5.87
N ASN A 477 3.82 23.16 -7.18
CA ASN A 477 2.76 23.72 -8.01
C ASN A 477 1.49 22.86 -7.99
N SER A 478 1.67 21.55 -7.78
CA SER A 478 0.54 20.62 -7.71
C SER A 478 -0.47 20.97 -6.61
N VAL A 479 0.00 21.67 -5.57
CA VAL A 479 -0.88 22.13 -4.49
C VAL A 479 -1.96 23.06 -5.03
N GLN A 480 -1.54 24.06 -5.82
CA GLN A 480 -2.51 24.95 -6.44
C GLN A 480 -3.41 24.21 -7.42
N TRP A 481 -2.87 23.19 -8.09
CA TRP A 481 -3.63 22.43 -9.07
C TRP A 481 -4.74 21.63 -8.39
N PHE A 482 -4.39 20.94 -7.31
CA PHE A 482 -5.43 20.29 -6.52
C PHE A 482 -6.46 21.24 -5.93
N LYS A 483 -5.99 22.38 -5.45
CA LYS A 483 -6.89 23.37 -4.88
C LYS A 483 -7.95 23.80 -5.88
N ALA A 484 -7.51 24.08 -7.12
CA ALA A 484 -8.41 24.47 -8.21
C ALA A 484 -9.40 23.37 -8.54
N LEU A 485 -8.87 22.15 -8.64
CA LEU A 485 -9.66 20.94 -8.93
C LEU A 485 -10.77 20.76 -7.90
N LEU A 486 -10.43 20.94 -6.63
CA LEU A 486 -11.35 20.60 -5.54
C LEU A 486 -12.30 21.72 -5.14
N LYS A 487 -12.13 22.89 -5.75
CA LYS A 487 -12.92 24.07 -5.43
C LYS A 487 -14.41 23.83 -5.60
N THR A 488 -15.18 24.23 -4.58
CA THR A 488 -16.63 24.06 -4.55
C THR A 488 -17.32 25.41 -4.58
#